data_3VHW
#
_entry.id   3VHW
#
_cell.length_a   44.975
_cell.length_b   51.470
_cell.length_c   131.264
_cell.angle_alpha   90.00
_cell.angle_beta   90.00
_cell.angle_gamma   90.00
#
_symmetry.space_group_name_H-M   'P 21 21 21'
#
loop_
_entity.id
_entity.type
_entity.pdbx_description
1 polymer 'Vitamin D3 receptor'
2 non-polymer 'methyl (1S,3E)-3-{(2R)-2-[(1R,3aS,4E,7aR)-4-{(2Z)-2-[(3R,4S,5R)-3,5-dihydroxy-4-(3-hydroxypropoxy)-2-methylidenecyclohexylidene]ethylidene}-7a-methyloctahydro-1H-inden-1-yl]propylidene}-1-ethyl-2-oxocyclopentanecarboxylate (non-preferred name)'
3 water water
#
_entity_poly.entity_id   1
_entity_poly.type   'polypeptide(L)'
_entity_poly.pdbx_seq_one_letter_code
;GSHMDSLRPKLSEEQQRIIAILLDAHHKTYDPTYSDFCQFRPPVRVNDGGGSVTLELSQLSMLPHLADLVSYSIQKVIGF
AKMIPGFRDLTSEDQIVLLKSSAIEVIMLRSNESFTMDDMSWTCGNQDYKYRVSDVTKAGHSLELIEPLIKFQVGLKKLN
LHEEEHVLLMAICIVSPDRPGVQDAALIEAIQDRLSNTLQTYIRCRHPPPGSHLLYAKMIQKLADLRSLNEEHSKQYRCL
SFQPECSMKLTPLVLEVFGNEIS
;
_entity_poly.pdbx_strand_id   A
#
# COMPACT_ATOMS: atom_id res chain seq x y z
N ASP A 5 9.15 -19.34 -28.84
CA ASP A 5 8.29 -18.12 -28.77
C ASP A 5 9.03 -17.05 -28.00
N SER A 6 8.39 -16.60 -26.91
CA SER A 6 9.08 -15.95 -25.79
C SER A 6 9.94 -14.76 -26.22
N LEU A 7 9.30 -13.78 -26.84
CA LEU A 7 9.98 -12.58 -27.29
C LEU A 7 10.41 -11.74 -26.10
N ARG A 8 11.65 -11.29 -26.11
CA ARG A 8 12.15 -10.50 -25.01
C ARG A 8 12.65 -9.15 -25.46
N PRO A 9 11.72 -8.24 -25.86
CA PRO A 9 12.22 -6.97 -26.38
C PRO A 9 12.87 -6.12 -25.28
N LYS A 10 13.88 -5.35 -25.68
CA LYS A 10 14.53 -4.40 -24.81
C LYS A 10 13.57 -3.29 -24.34
N LEU A 11 13.79 -2.82 -23.12
CA LEU A 11 13.11 -1.65 -22.65
C LEU A 11 13.36 -0.48 -23.62
N SER A 12 12.31 0.22 -23.99
CA SER A 12 12.43 1.43 -24.79
C SER A 12 13.05 2.57 -23.98
N GLU A 13 13.53 3.59 -24.68
CA GLU A 13 13.99 4.84 -24.07
C GLU A 13 13.00 5.29 -23.01
N GLU A 14 11.73 5.41 -23.44
CA GLU A 14 10.63 5.83 -22.61
C GLU A 14 10.34 4.91 -21.39
N GLN A 15 10.44 3.60 -21.56
CA GLN A 15 10.20 2.69 -20.45
C GLN A 15 11.27 2.85 -19.40
N GLN A 16 12.53 2.85 -19.85
CA GLN A 16 13.69 3.19 -19.01
C GLN A 16 13.49 4.46 -18.21
N ARG A 17 12.95 5.50 -18.84
CA ARG A 17 12.78 6.77 -18.19
C ARG A 17 11.67 6.67 -17.16
N ILE A 18 10.55 6.07 -17.57
CA ILE A 18 9.42 5.76 -16.65
C ILE A 18 9.89 5.03 -15.40
N ILE A 19 10.72 3.99 -15.56
CA ILE A 19 11.31 3.29 -14.41
C ILE A 19 12.22 4.19 -13.55
N ALA A 20 13.10 4.97 -14.19
CA ALA A 20 13.93 5.91 -13.43
C ALA A 20 13.05 6.88 -12.59
N ILE A 21 12.02 7.46 -13.21
CA ILE A 21 11.15 8.36 -12.52
C ILE A 21 10.50 7.65 -11.31
N LEU A 22 10.00 6.42 -11.51
CA LEU A 22 9.35 5.68 -10.44
C LEU A 22 10.31 5.33 -9.26
N LEU A 23 11.49 4.80 -9.54
CA LEU A 23 12.46 4.56 -8.49
C LEU A 23 12.76 5.85 -7.71
N ASP A 24 12.93 6.95 -8.43
CA ASP A 24 13.22 8.22 -7.82
C ASP A 24 12.06 8.79 -7.01
N ALA A 25 10.83 8.64 -7.50
CA ALA A 25 9.69 9.02 -6.68
C ALA A 25 9.64 8.20 -5.40
N HIS A 26 9.92 6.92 -5.53
CA HIS A 26 9.87 6.04 -4.35
C HIS A 26 10.93 6.36 -3.33
N HIS A 27 12.15 6.64 -3.79
CA HIS A 27 13.26 6.99 -2.86
C HIS A 27 13.05 8.29 -2.11
N LYS A 28 12.27 9.19 -2.69
CA LYS A 28 11.97 10.48 -2.10
C LYS A 28 10.73 10.40 -1.23
N THR A 29 9.94 9.34 -1.40
CA THR A 29 8.71 9.24 -0.62
C THR A 29 8.69 8.07 0.34
N TYR A 30 9.75 7.27 0.34
CA TYR A 30 9.85 6.16 1.28
C TYR A 30 11.17 6.22 2.03
N ASP A 31 11.13 6.75 3.25
CA ASP A 31 12.33 6.83 4.07
C ASP A 31 12.54 5.47 4.80
N PRO A 32 13.57 4.70 4.39
CA PRO A 32 13.78 3.32 4.93
C PRO A 32 14.39 3.32 6.32
N THR A 33 14.66 4.51 6.86
CA THR A 33 15.22 4.62 8.19
C THR A 33 14.12 4.89 9.21
N TYR A 34 12.91 5.26 8.76
CA TYR A 34 11.75 5.45 9.69
C TYR A 34 12.03 6.55 10.73
N SER A 35 12.79 7.56 10.28
CA SER A 35 13.31 8.62 11.14
C SER A 35 12.26 9.63 11.56
N ASP A 36 11.12 9.67 10.87
CA ASP A 36 10.01 10.57 11.21
C ASP A 36 9.06 9.98 12.27
N PHE A 37 9.20 8.68 12.56
CA PHE A 37 8.24 7.99 13.43
C PHE A 37 8.17 8.56 14.86
N CYS A 38 9.29 9.14 15.35
CA CYS A 38 9.34 9.68 16.72
C CYS A 38 8.40 10.87 16.86
N GLN A 39 8.07 11.48 15.74
CA GLN A 39 7.06 12.53 15.70
C GLN A 39 5.61 12.05 15.77
N PHE A 40 5.34 10.78 15.51
CA PHE A 40 3.94 10.31 15.62
C PHE A 40 3.50 10.30 17.11
N ARG A 41 2.20 10.34 17.37
CA ARG A 41 1.72 10.12 18.74
C ARG A 41 2.32 8.78 19.15
N PRO A 42 2.67 8.61 20.43
CA PRO A 42 3.49 7.47 20.81
C PRO A 42 2.69 6.15 20.82
N PRO A 43 3.37 5.05 20.42
CA PRO A 43 2.73 3.74 20.51
C PRO A 43 2.38 3.44 21.96
N VAL A 44 1.16 2.99 22.18
CA VAL A 44 0.75 2.55 23.52
C VAL A 44 0.26 1.09 23.45
N ARG A 45 0.99 0.23 24.16
CA ARG A 45 0.77 -1.19 24.15
C ARG A 45 0.22 -1.71 25.47
N VAL A 46 -1.00 -1.33 25.84
CA VAL A 46 -1.57 -1.89 27.08
C VAL A 46 -2.12 -3.29 26.85
N ASN A 47 -1.88 -4.16 27.83
CA ASN A 47 -2.30 -5.56 27.84
C ASN A 47 -3.73 -5.79 27.35
N ASP A 48 -3.83 -6.57 26.27
CA ASP A 48 -5.11 -6.90 25.63
C ASP A 48 -5.17 -8.41 25.39
N GLY A 49 -4.24 -9.12 26.01
CA GLY A 49 -4.17 -10.58 25.95
C GLY A 49 -5.41 -11.28 25.39
N GLY A 50 -6.59 -10.93 25.88
CA GLY A 50 -7.83 -11.47 25.31
C GLY A 50 -7.84 -11.39 23.79
N SER A 52 -9.50 -9.16 23.17
CA SER A 52 -10.83 -8.86 23.69
C SER A 52 -11.42 -7.61 23.03
N VAL A 53 -12.47 -7.82 22.24
CA VAL A 53 -13.06 -6.74 21.45
C VAL A 53 -13.51 -5.57 22.32
N THR A 54 -14.15 -5.88 23.44
CA THR A 54 -14.64 -4.86 24.34
C THR A 54 -13.54 -3.95 24.89
N LEU A 55 -12.45 -4.55 25.35
CA LEU A 55 -11.30 -3.83 25.89
C LEU A 55 -10.64 -3.02 24.78
N GLU A 56 -10.28 -3.72 23.69
CA GLU A 56 -9.84 -3.10 22.45
C GLU A 56 -10.48 -1.78 22.15
N LEU A 57 -11.81 -1.86 22.00
CA LEU A 57 -12.66 -0.72 21.66
C LEU A 57 -12.72 0.33 22.77
N SER A 58 -12.70 -0.14 24.01
CA SER A 58 -12.63 0.76 25.16
C SER A 58 -11.35 1.60 25.12
N GLN A 59 -10.23 0.96 24.74
CA GLN A 59 -8.92 1.59 24.76
C GLN A 59 -8.48 2.18 23.42
N LEU A 60 -8.51 1.36 22.36
CA LEU A 60 -7.91 1.72 21.08
C LEU A 60 -6.47 2.31 21.28
N SER A 61 -5.66 1.63 22.10
CA SER A 61 -4.42 2.19 22.62
C SER A 61 -3.37 2.45 21.54
N MET A 62 -3.36 1.60 20.51
CA MET A 62 -2.47 1.74 19.35
C MET A 62 -3.07 2.58 18.21
N LEU A 63 -4.34 2.94 18.31
CA LEU A 63 -4.94 3.66 17.19
C LEU A 63 -4.31 5.04 16.90
N PRO A 64 -3.98 5.83 17.94
CA PRO A 64 -3.39 7.16 17.63
C PRO A 64 -2.08 7.02 16.82
N HIS A 65 -1.21 6.12 17.27
CA HIS A 65 0.12 5.95 16.67
C HIS A 65 0.01 5.42 15.23
N LEU A 66 -0.72 4.32 15.08
CA LEU A 66 -1.03 3.77 13.75
C LEU A 66 -1.83 4.64 12.79
N ALA A 67 -2.80 5.37 13.31
CA ALA A 67 -3.50 6.40 12.51
C ALA A 67 -2.56 7.47 11.94
N ASP A 68 -1.61 7.93 12.78
CA ASP A 68 -0.60 8.90 12.37
C ASP A 68 0.33 8.29 11.34
N LEU A 69 0.64 6.99 11.52
CA LEU A 69 1.49 6.25 10.59
C LEU A 69 0.86 6.09 9.22
N VAL A 70 -0.43 5.74 9.20
CA VAL A 70 -1.20 5.62 7.95
C VAL A 70 -1.42 6.97 7.32
N SER A 71 -1.85 7.92 8.12
CA SER A 71 -1.99 9.32 7.68
C SER A 71 -0.73 9.84 6.98
N TYR A 72 0.42 9.77 7.66
CA TYR A 72 1.74 10.17 7.11
C TYR A 72 1.99 9.39 5.83
N SER A 73 1.62 8.11 5.86
CA SER A 73 1.78 7.24 4.71
C SER A 73 0.88 7.69 3.52
N ILE A 74 -0.37 8.03 3.78
CA ILE A 74 -1.21 8.60 2.72
C ILE A 74 -0.54 9.81 2.03
N GLN A 75 0.05 10.67 2.84
CA GLN A 75 0.72 11.85 2.35
C GLN A 75 1.84 11.48 1.40
N LYS A 76 2.61 10.46 1.78
CA LYS A 76 3.71 9.95 0.96
C LYS A 76 3.19 9.33 -0.34
N VAL A 77 2.06 8.65 -0.25
CA VAL A 77 1.40 8.07 -1.41
C VAL A 77 0.92 9.11 -2.41
N ILE A 78 0.33 10.19 -1.89
CA ILE A 78 -0.10 11.30 -2.75
C ILE A 78 1.09 11.88 -3.54
N GLY A 79 2.17 12.19 -2.85
CA GLY A 79 3.37 12.63 -3.50
C GLY A 79 3.89 11.62 -4.51
N PHE A 80 3.87 10.33 -4.15
CA PHE A 80 4.36 9.29 -5.04
C PHE A 80 3.52 9.30 -6.32
N ALA A 81 2.20 9.32 -6.17
CA ALA A 81 1.25 9.29 -7.27
C ALA A 81 1.47 10.45 -8.25
N LYS A 82 1.72 11.61 -7.69
CA LYS A 82 1.92 12.82 -8.43
C LYS A 82 3.17 12.76 -9.32
N MET A 83 4.09 11.84 -9.02
CA MET A 83 5.30 11.74 -9.85
C MET A 83 5.21 10.58 -10.86
N ILE A 84 4.08 9.86 -10.84
CA ILE A 84 3.83 8.86 -11.87
C ILE A 84 3.65 9.53 -13.23
N PRO A 85 4.51 9.18 -14.19
CA PRO A 85 4.27 9.67 -15.54
C PRO A 85 2.80 9.42 -15.91
N GLY A 86 2.13 10.45 -16.44
CA GLY A 86 0.74 10.40 -16.82
C GLY A 86 -0.25 10.93 -15.78
N PHE A 87 0.13 10.80 -14.50
CA PHE A 87 -0.81 11.14 -13.43
C PHE A 87 -1.34 12.58 -13.52
N ARG A 88 -0.44 13.54 -13.66
CA ARG A 88 -0.74 14.97 -13.92
C ARG A 88 -1.65 15.24 -15.12
N ASP A 89 -1.66 14.35 -16.10
CA ASP A 89 -2.56 14.48 -17.26
C ASP A 89 -4.04 14.22 -16.96
N LEU A 90 -4.32 13.47 -15.90
CA LEU A 90 -5.70 13.29 -15.43
C LEU A 90 -6.26 14.56 -14.84
N THR A 91 -7.59 14.67 -14.83
CA THR A 91 -8.25 15.75 -14.12
C THR A 91 -8.02 15.55 -12.66
N SER A 92 -8.03 16.65 -11.93
CA SER A 92 -7.71 16.59 -10.53
C SER A 92 -8.79 15.78 -9.79
N GLU A 93 -10.02 15.79 -10.33
CA GLU A 93 -11.13 14.99 -9.82
C GLU A 93 -10.83 13.48 -9.86
N ASP A 94 -10.31 13.02 -10.99
CA ASP A 94 -9.91 11.64 -11.16
C ASP A 94 -8.67 11.26 -10.35
N GLN A 95 -7.71 12.17 -10.23
CA GLN A 95 -6.53 11.93 -9.39
C GLN A 95 -6.96 11.58 -7.94
N ILE A 96 -7.94 12.32 -7.45
CA ILE A 96 -8.41 12.17 -6.11
C ILE A 96 -9.26 10.94 -5.97
N VAL A 97 -10.08 10.66 -6.98
CA VAL A 97 -10.89 9.44 -6.91
C VAL A 97 -9.95 8.24 -6.76
N LEU A 98 -8.84 8.27 -7.53
CA LEU A 98 -7.85 7.19 -7.57
C LEU A 98 -7.04 7.11 -6.30
N LEU A 99 -6.65 8.28 -5.79
CA LEU A 99 -5.89 8.33 -4.53
C LEU A 99 -6.73 7.74 -3.38
N LYS A 100 -7.99 8.15 -3.25
CA LYS A 100 -8.77 7.76 -2.11
C LYS A 100 -9.09 6.29 -2.16
N SER A 101 -9.32 5.78 -3.34
CA SER A 101 -9.72 4.38 -3.42
C SER A 101 -8.50 3.46 -3.44
N SER A 102 -7.31 3.98 -3.79
CA SER A 102 -6.13 3.13 -3.72
C SER A 102 -5.32 3.24 -2.45
N ALA A 103 -5.47 4.35 -1.70
CA ALA A 103 -4.53 4.62 -0.58
C ALA A 103 -4.22 3.47 0.34
N ILE A 104 -5.23 2.79 0.90
CA ILE A 104 -4.95 1.70 1.85
C ILE A 104 -4.27 0.54 1.14
N GLU A 105 -4.64 0.28 -0.11
CA GLU A 105 -3.94 -0.74 -0.91
C GLU A 105 -2.45 -0.44 -1.12
N VAL A 106 -2.12 0.79 -1.48
CA VAL A 106 -0.72 1.10 -1.71
C VAL A 106 0.05 1.03 -0.41
N ILE A 107 -0.64 1.37 0.68
CA ILE A 107 -0.05 1.26 2.01
C ILE A 107 0.29 -0.20 2.27
N MET A 108 -0.64 -1.09 2.00
CA MET A 108 -0.35 -2.51 2.16
C MET A 108 0.83 -2.97 1.29
N LEU A 109 0.84 -2.56 0.00
CA LEU A 109 2.03 -2.83 -0.87
C LEU A 109 3.27 -2.23 -0.24
N ARG A 110 3.28 -0.92 0.01
CA ARG A 110 4.54 -0.23 0.36
C ARG A 110 5.09 -0.72 1.69
N SER A 111 4.17 -1.07 2.61
CA SER A 111 4.50 -1.67 3.96
C SER A 111 5.32 -2.95 3.86
N ASN A 112 5.26 -3.58 2.70
CA ASN A 112 6.01 -4.81 2.48
C ASN A 112 7.51 -4.63 2.67
N GLU A 113 8.02 -3.40 2.54
CA GLU A 113 9.46 -3.09 2.68
C GLU A 113 9.91 -3.20 4.15
N SER A 114 8.99 -2.95 5.08
CA SER A 114 9.31 -3.07 6.52
C SER A 114 8.91 -4.42 7.07
N PHE A 115 8.05 -5.10 6.35
CA PHE A 115 7.60 -6.41 6.81
C PHE A 115 8.74 -7.39 6.73
N THR A 116 8.78 -8.29 7.72
CA THR A 116 9.84 -9.27 7.79
C THR A 116 9.33 -10.62 8.21
N MET A 117 9.80 -11.62 7.48
CA MET A 117 9.46 -12.99 7.69
C MET A 117 10.22 -13.64 8.84
N ASP A 118 11.28 -12.98 9.37
CA ASP A 118 11.94 -13.43 10.59
C ASP A 118 10.87 -13.76 11.65
N ASP A 119 10.03 -12.77 11.97
CA ASP A 119 9.02 -12.94 13.01
C ASP A 119 7.65 -12.42 12.57
N MET A 120 7.47 -12.16 11.26
CA MET A 120 6.14 -11.87 10.73
C MET A 120 5.62 -10.58 11.35
N SER A 121 6.51 -9.60 11.41
CA SER A 121 6.18 -8.27 11.87
C SER A 121 6.57 -7.23 10.82
N TRP A 122 6.09 -6.01 11.03
CA TRP A 122 6.63 -4.86 10.32
C TRP A 122 7.62 -4.19 11.29
N THR A 123 8.90 -4.26 10.93
CA THR A 123 9.95 -3.78 11.78
C THR A 123 10.41 -2.42 11.25
N CYS A 124 9.92 -1.35 11.86
CA CYS A 124 10.36 -0.02 11.49
C CYS A 124 11.42 0.51 12.47
N GLY A 125 12.17 -0.42 13.02
CA GLY A 125 13.28 -0.15 13.93
C GLY A 125 13.04 -0.83 15.27
N ASN A 126 13.86 -0.44 16.23
CA ASN A 126 13.44 -0.49 17.60
C ASN A 126 12.69 -1.77 18.07
N GLN A 127 11.77 -1.53 18.99
CA GLN A 127 10.80 -2.48 19.43
C GLN A 127 9.56 -1.64 19.66
N ASP A 128 9.74 -0.35 20.01
CA ASP A 128 8.68 0.65 19.95
C ASP A 128 8.01 0.70 18.54
N TYR A 129 8.82 0.66 17.49
CA TYR A 129 8.30 0.76 16.13
C TYR A 129 8.36 -0.59 15.40
N LYS A 130 8.06 -1.63 16.16
CA LYS A 130 7.84 -2.94 15.59
C LYS A 130 6.33 -3.25 15.74
N TYR A 131 5.70 -3.57 14.63
CA TYR A 131 4.27 -3.80 14.66
C TYR A 131 3.92 -5.23 14.38
N ARG A 132 3.15 -5.85 15.29
CA ARG A 132 2.78 -7.25 15.15
C ARG A 132 1.29 -7.35 15.09
N VAL A 133 0.79 -8.55 14.81
CA VAL A 133 -0.63 -8.84 14.90
C VAL A 133 -1.28 -8.22 16.16
N SER A 134 -0.73 -8.51 17.33
CA SER A 134 -1.24 -7.94 18.57
C SER A 134 -1.34 -6.41 18.56
N ASP A 135 -0.38 -5.71 17.94
CA ASP A 135 -0.47 -4.22 17.82
C ASP A 135 -1.63 -3.73 16.96
N VAL A 136 -1.97 -4.52 15.94
CA VAL A 136 -3.03 -4.15 14.98
C VAL A 136 -4.41 -4.44 15.58
N THR A 137 -4.52 -5.48 16.40
CA THR A 137 -5.75 -5.65 17.20
C THR A 137 -5.95 -4.56 18.27
N LYS A 138 -4.88 -4.05 18.86
CA LYS A 138 -5.02 -2.90 19.75
C LYS A 138 -5.33 -1.57 19.03
N ALA A 139 -5.45 -1.59 17.70
CA ALA A 139 -6.03 -0.45 16.96
C ALA A 139 -7.49 -0.68 16.61
N GLY A 140 -8.05 -1.80 17.08
CA GLY A 140 -9.43 -2.17 16.85
C GLY A 140 -9.75 -3.15 15.71
N HIS A 141 -8.75 -3.54 14.91
CA HIS A 141 -9.02 -4.50 13.85
C HIS A 141 -9.08 -5.91 14.35
N SER A 142 -9.83 -6.72 13.62
CA SER A 142 -9.90 -8.15 13.91
C SER A 142 -9.11 -8.97 12.89
N LEU A 143 -9.07 -10.27 13.17
CA LEU A 143 -8.27 -11.26 12.48
C LEU A 143 -8.80 -11.52 11.09
N GLU A 144 -10.09 -11.28 10.85
CA GLU A 144 -10.61 -11.38 9.49
C GLU A 144 -9.82 -10.49 8.49
N LEU A 145 -9.19 -9.41 8.96
CA LEU A 145 -8.41 -8.53 8.06
C LEU A 145 -6.94 -8.87 8.23
N ILE A 146 -6.56 -8.99 9.49
CA ILE A 146 -5.18 -9.16 9.87
C ILE A 146 -4.54 -10.44 9.34
N GLU A 147 -5.28 -11.54 9.36
CA GLU A 147 -4.66 -12.78 8.94
C GLU A 147 -4.42 -12.86 7.44
N PRO A 148 -5.40 -12.45 6.61
CA PRO A 148 -5.11 -12.37 5.16
C PRO A 148 -4.10 -11.27 4.84
N LEU A 149 -4.05 -10.22 5.65
CA LEU A 149 -3.06 -9.18 5.42
C LEU A 149 -1.67 -9.75 5.57
N ILE A 150 -1.46 -10.59 6.60
CA ILE A 150 -0.13 -11.19 6.86
C ILE A 150 0.18 -12.18 5.73
N LYS A 151 -0.86 -12.89 5.24
CA LYS A 151 -0.68 -13.91 4.19
C LYS A 151 -0.26 -13.19 2.93
N PHE A 152 -0.85 -12.02 2.69
CA PHE A 152 -0.58 -11.24 1.52
C PHE A 152 0.86 -10.77 1.63
N GLN A 153 1.26 -10.35 2.82
CA GLN A 153 2.62 -9.79 3.00
C GLN A 153 3.70 -10.84 2.70
N VAL A 154 3.41 -12.08 3.09
CA VAL A 154 4.34 -13.19 2.85
C VAL A 154 4.33 -13.59 1.37
N GLY A 155 3.14 -13.86 0.81
CA GLY A 155 2.93 -14.04 -0.61
C GLY A 155 3.75 -13.05 -1.41
N LEU A 156 3.66 -11.78 -1.02
CA LEU A 156 4.38 -10.72 -1.70
C LEU A 156 5.89 -10.78 -1.44
N LYS A 157 6.34 -10.98 -0.20
CA LYS A 157 7.81 -11.21 0.00
C LYS A 157 8.35 -12.29 -0.88
N LYS A 158 7.63 -13.40 -1.03
CA LYS A 158 8.10 -14.56 -1.81
C LYS A 158 8.04 -14.37 -3.35
N LEU A 159 7.51 -13.26 -3.83
CA LEU A 159 7.75 -12.91 -5.23
C LEU A 159 9.18 -12.39 -5.46
N ASN A 160 9.85 -11.92 -4.39
CA ASN A 160 11.23 -11.44 -4.45
C ASN A 160 11.31 -10.30 -5.47
N LEU A 161 10.31 -9.41 -5.46
CA LEU A 161 10.27 -8.31 -6.45
C LEU A 161 11.58 -7.49 -6.49
N HIS A 162 12.02 -7.09 -7.68
CA HIS A 162 13.15 -6.15 -7.78
C HIS A 162 12.49 -4.83 -7.47
N GLU A 163 13.23 -3.80 -7.10
CA GLU A 163 12.56 -2.58 -6.73
C GLU A 163 11.81 -1.93 -7.89
N GLU A 164 12.29 -2.16 -9.12
CA GLU A 164 11.57 -1.69 -10.30
C GLU A 164 10.11 -2.25 -10.36
N GLU A 165 9.95 -3.51 -10.02
CA GLU A 165 8.68 -4.20 -10.15
C GLU A 165 7.78 -3.72 -9.05
N HIS A 166 8.41 -3.54 -7.88
CA HIS A 166 7.71 -3.13 -6.71
C HIS A 166 7.13 -1.72 -6.94
N VAL A 167 7.89 -0.81 -7.53
CA VAL A 167 7.34 0.55 -7.73
C VAL A 167 6.35 0.65 -8.92
N LEU A 168 6.56 -0.10 -10.00
CA LEU A 168 5.56 -0.23 -11.09
C LEU A 168 4.24 -0.83 -10.56
N LEU A 169 4.35 -1.88 -9.73
CA LEU A 169 3.14 -2.47 -9.11
C LEU A 169 2.34 -1.41 -8.34
N MET A 170 3.00 -0.61 -7.50
CA MET A 170 2.26 0.44 -6.80
C MET A 170 1.65 1.46 -7.78
N ALA A 171 2.44 1.88 -8.78
CA ALA A 171 1.95 2.78 -9.82
C ALA A 171 0.70 2.19 -10.54
N ILE A 172 0.71 0.89 -10.84
CA ILE A 172 -0.37 0.26 -11.55
C ILE A 172 -1.57 0.17 -10.58
N CYS A 173 -1.31 -0.16 -9.33
CA CYS A 173 -2.36 -0.14 -8.31
C CYS A 173 -3.15 1.20 -8.26
N ILE A 174 -2.43 2.30 -8.13
CA ILE A 174 -3.04 3.64 -8.14
C ILE A 174 -3.84 3.96 -9.41
N VAL A 175 -3.24 3.75 -10.58
CA VAL A 175 -3.85 4.13 -11.88
C VAL A 175 -4.72 2.98 -12.49
N SER A 176 -5.85 2.73 -11.83
CA SER A 176 -6.79 1.66 -12.20
C SER A 176 -8.04 2.28 -12.77
N PRO A 177 -8.37 1.96 -14.03
CA PRO A 177 -9.56 2.53 -14.67
C PRO A 177 -10.89 1.97 -14.09
N ASP A 178 -10.82 0.86 -13.37
CA ASP A 178 -12.06 0.27 -12.88
C ASP A 178 -12.44 0.68 -11.46
N ARG A 179 -11.96 1.83 -10.97
CA ARG A 179 -12.38 2.30 -9.64
C ARG A 179 -13.75 2.95 -9.69
N PRO A 180 -14.59 2.78 -8.64
CA PRO A 180 -15.87 3.45 -8.68
C PRO A 180 -15.73 4.97 -8.77
N GLY A 181 -16.42 5.58 -9.73
CA GLY A 181 -16.50 7.03 -9.79
C GLY A 181 -15.44 7.73 -10.64
N VAL A 182 -14.65 6.97 -11.37
CA VAL A 182 -13.68 7.57 -12.31
C VAL A 182 -14.45 8.12 -13.49
N GLN A 183 -14.09 9.33 -13.90
CA GLN A 183 -14.73 9.95 -15.04
C GLN A 183 -14.07 9.61 -16.38
N ASP A 184 -12.76 9.61 -16.47
CA ASP A 184 -12.14 9.25 -17.76
C ASP A 184 -11.44 7.90 -17.67
N ALA A 185 -12.22 6.86 -17.53
CA ALA A 185 -11.69 5.51 -17.54
C ALA A 185 -10.70 5.25 -18.72
N ALA A 186 -10.96 5.80 -19.90
CA ALA A 186 -10.16 5.48 -21.05
C ALA A 186 -8.77 6.04 -20.87
N LEU A 187 -8.64 7.33 -20.51
CA LEU A 187 -7.28 7.92 -20.19
C LEU A 187 -6.49 7.09 -19.14
N ILE A 188 -7.13 6.81 -18.01
CA ILE A 188 -6.51 6.12 -16.89
C ILE A 188 -5.95 4.78 -17.40
N GLU A 189 -6.79 4.07 -18.15
CA GLU A 189 -6.39 2.82 -18.79
C GLU A 189 -5.18 3.00 -19.70
N ALA A 190 -5.19 4.05 -20.55
CA ALA A 190 -4.04 4.30 -21.42
C ALA A 190 -2.76 4.35 -20.58
N ILE A 191 -2.75 5.20 -19.56
CA ILE A 191 -1.66 5.30 -18.60
C ILE A 191 -1.29 3.96 -17.93
N GLN A 192 -2.27 3.21 -17.42
CA GLN A 192 -1.98 1.88 -16.78
C GLN A 192 -1.32 0.92 -17.75
N ASP A 193 -1.85 0.87 -18.98
CA ASP A 193 -1.27 0.02 -20.00
C ASP A 193 0.20 0.36 -20.31
N ARG A 194 0.50 1.66 -20.45
CA ARG A 194 1.90 2.12 -20.55
C ARG A 194 2.72 1.57 -19.36
N LEU A 195 2.18 1.73 -18.15
CA LEU A 195 2.86 1.20 -16.97
C LEU A 195 2.94 -0.33 -17.01
N SER A 196 1.86 -1.04 -17.37
CA SER A 196 1.87 -2.52 -17.43
C SER A 196 2.78 -3.11 -18.47
N ASN A 197 2.72 -2.55 -19.68
CA ASN A 197 3.66 -2.89 -20.73
C ASN A 197 5.11 -2.67 -20.26
N THR A 198 5.41 -1.60 -19.52
CA THR A 198 6.75 -1.42 -18.96
C THR A 198 7.08 -2.61 -18.05
N LEU A 199 6.19 -2.97 -17.15
CA LEU A 199 6.44 -4.09 -16.22
C LEU A 199 6.59 -5.45 -16.91
N GLN A 200 5.68 -5.72 -17.86
CA GLN A 200 5.77 -6.93 -18.68
C GLN A 200 7.11 -7.01 -19.40
N THR A 201 7.51 -5.88 -20.01
CA THR A 201 8.79 -5.77 -20.69
C THR A 201 9.94 -5.94 -19.69
N TYR A 202 9.88 -5.19 -18.59
CA TYR A 202 10.96 -5.29 -17.58
C TYR A 202 11.14 -6.73 -17.14
N ILE A 203 10.08 -7.43 -16.75
CA ILE A 203 10.18 -8.82 -16.31
C ILE A 203 10.83 -9.73 -17.34
N ARG A 204 10.35 -9.68 -18.58
CA ARG A 204 10.92 -10.50 -19.66
C ARG A 204 12.40 -10.23 -19.84
N CYS A 205 12.83 -8.97 -19.64
CA CYS A 205 14.24 -8.59 -19.83
C CYS A 205 15.11 -9.06 -18.72
N ARG A 206 14.65 -8.84 -17.49
CA ARG A 206 15.55 -8.78 -16.35
C ARG A 206 15.40 -9.93 -15.39
N HIS A 207 14.53 -10.87 -15.68
CA HIS A 207 14.21 -11.80 -14.64
C HIS A 207 14.70 -13.18 -14.93
N PRO A 208 15.57 -13.70 -14.02
CA PRO A 208 16.06 -15.08 -14.06
C PRO A 208 15.09 -16.02 -13.32
N PRO A 209 14.95 -17.31 -13.76
CA PRO A 209 15.23 -18.04 -15.03
C PRO A 209 15.35 -17.34 -16.48
N PRO A 210 14.24 -16.96 -17.24
CA PRO A 210 12.75 -16.86 -17.17
C PRO A 210 11.88 -17.69 -18.16
N GLY A 211 11.62 -18.95 -17.83
CA GLY A 211 10.39 -19.62 -18.25
C GLY A 211 9.29 -19.17 -17.26
N SER A 212 9.72 -18.53 -16.15
CA SER A 212 8.81 -17.97 -15.13
C SER A 212 8.46 -16.50 -15.43
N HIS A 213 8.01 -16.28 -16.67
CA HIS A 213 7.35 -15.02 -17.06
C HIS A 213 6.05 -14.80 -16.23
N LEU A 214 5.50 -15.95 -15.76
CA LEU A 214 4.43 -16.18 -14.71
C LEU A 214 4.40 -15.25 -13.48
N LEU A 215 5.49 -14.52 -13.29
CA LEU A 215 5.59 -13.58 -12.20
C LEU A 215 4.56 -12.46 -12.42
N TYR A 216 4.34 -12.11 -13.69
CA TYR A 216 3.40 -11.10 -14.00
C TYR A 216 1.98 -11.52 -13.57
N ALA A 217 1.56 -12.73 -13.94
CA ALA A 217 0.26 -13.25 -13.45
C ALA A 217 0.17 -13.12 -11.91
N LYS A 218 1.20 -13.55 -11.20
CA LYS A 218 1.20 -13.51 -9.75
C LYS A 218 1.12 -12.08 -9.19
N MET A 219 1.85 -11.16 -9.81
CA MET A 219 1.73 -9.73 -9.48
C MET A 219 0.35 -9.14 -9.70
N ILE A 220 -0.29 -9.49 -10.82
CA ILE A 220 -1.64 -9.08 -11.18
C ILE A 220 -2.64 -9.68 -10.15
N GLN A 221 -2.44 -10.93 -9.74
CA GLN A 221 -3.29 -11.58 -8.70
C GLN A 221 -3.18 -10.84 -7.35
N LYS A 222 -1.98 -10.32 -7.05
CA LYS A 222 -1.83 -9.51 -5.83
C LYS A 222 -2.76 -8.29 -5.85
N LEU A 223 -2.94 -7.69 -7.03
CA LEU A 223 -3.81 -6.51 -7.13
C LEU A 223 -5.24 -6.87 -6.79
N ALA A 224 -5.69 -7.99 -7.33
CA ALA A 224 -6.96 -8.58 -6.94
C ALA A 224 -7.08 -8.92 -5.41
N ASP A 225 -6.08 -9.57 -4.79
CA ASP A 225 -6.09 -9.74 -3.30
C ASP A 225 -6.31 -8.41 -2.56
N LEU A 226 -5.65 -7.37 -3.09
CA LEU A 226 -5.73 -6.02 -2.54
C LEU A 226 -7.15 -5.42 -2.51
N ARG A 227 -7.97 -5.70 -3.53
CA ARG A 227 -9.39 -5.27 -3.54
C ARG A 227 -10.17 -5.86 -2.32
N SER A 228 -10.03 -7.18 -2.08
CA SER A 228 -10.66 -7.86 -0.90
C SER A 228 -10.20 -7.30 0.41
N LEU A 229 -8.91 -6.99 0.50
CA LEU A 229 -8.35 -6.47 1.75
C LEU A 229 -8.88 -5.10 2.00
N ASN A 230 -8.88 -4.29 0.94
CA ASN A 230 -9.50 -2.98 0.92
C ASN A 230 -10.94 -2.99 1.44
N GLU A 231 -11.81 -3.79 0.84
CA GLU A 231 -13.21 -3.83 1.28
C GLU A 231 -13.33 -4.30 2.74
N GLU A 232 -12.57 -5.33 3.11
CA GLU A 232 -12.53 -5.74 4.51
C GLU A 232 -12.05 -4.63 5.47
N HIS A 233 -10.95 -3.95 5.12
CA HIS A 233 -10.46 -2.85 5.94
C HIS A 233 -11.54 -1.81 6.07
N SER A 234 -12.22 -1.55 4.97
CA SER A 234 -13.26 -0.55 4.94
C SER A 234 -14.50 -0.90 5.81
N LYS A 235 -14.93 -2.17 5.83
CA LYS A 235 -15.95 -2.63 6.78
C LYS A 235 -15.49 -2.25 8.18
N GLN A 236 -14.25 -2.61 8.50
CA GLN A 236 -13.81 -2.56 9.89
C GLN A 236 -13.61 -1.10 10.34
N TYR A 237 -13.00 -0.30 9.47
CA TYR A 237 -12.89 1.12 9.70
C TYR A 237 -14.24 1.74 10.06
N ARG A 238 -15.29 1.34 9.34
CA ARG A 238 -16.64 1.94 9.49
C ARG A 238 -17.22 1.63 10.84
N CYS A 239 -17.07 0.37 11.24
CA CYS A 239 -17.43 -0.07 12.59
C CYS A 239 -16.63 0.62 13.68
N LEU A 240 -15.33 0.75 13.46
CA LEU A 240 -14.53 1.54 14.41
C LEU A 240 -14.97 3.01 14.52
N SER A 241 -15.36 3.63 13.43
CA SER A 241 -15.74 5.04 13.50
C SER A 241 -17.03 5.28 14.33
N PHE A 242 -17.74 4.20 14.67
CA PHE A 242 -18.89 4.28 15.58
C PHE A 242 -18.48 4.40 17.04
N GLN A 243 -17.22 4.08 17.32
CA GLN A 243 -16.69 4.23 18.68
C GLN A 243 -16.64 5.70 19.05
N PRO A 244 -17.36 6.06 20.11
CA PRO A 244 -17.36 7.48 20.49
C PRO A 244 -15.92 7.89 20.73
N GLU A 245 -15.57 9.13 20.32
CA GLU A 245 -14.19 9.74 20.43
C GLU A 245 -13.19 9.13 19.48
N CYS A 246 -13.65 8.24 18.60
CA CYS A 246 -12.75 7.64 17.62
C CYS A 246 -12.01 8.70 16.82
N SER A 247 -12.70 9.77 16.47
CA SER A 247 -12.14 10.75 15.57
C SER A 247 -10.92 11.48 16.14
N MET A 248 -10.92 11.80 17.46
CA MET A 248 -9.71 12.30 18.15
C MET A 248 -8.52 11.44 17.77
N LYS A 249 -8.76 10.12 17.74
CA LYS A 249 -7.71 9.13 17.60
C LYS A 249 -7.24 9.04 16.16
N LEU A 250 -8.05 9.54 15.25
CA LEU A 250 -7.65 9.54 13.83
C LEU A 250 -6.93 10.82 13.44
N THR A 251 -7.06 11.24 12.18
CA THR A 251 -6.54 12.53 11.69
C THR A 251 -7.54 12.97 10.65
N PRO A 252 -7.56 14.28 10.29
CA PRO A 252 -8.56 14.74 9.30
C PRO A 252 -8.49 14.01 7.96
N LEU A 253 -7.27 13.72 7.49
CA LEU A 253 -6.96 13.00 6.26
C LEU A 253 -7.47 11.55 6.25
N VAL A 254 -7.23 10.84 7.35
CA VAL A 254 -7.75 9.50 7.54
C VAL A 254 -9.29 9.54 7.51
N LEU A 255 -9.88 10.53 8.17
CA LEU A 255 -11.33 10.70 8.17
C LEU A 255 -11.89 10.95 6.74
N GLU A 256 -11.27 11.83 5.99
CA GLU A 256 -11.74 12.04 4.65
C GLU A 256 -11.53 10.81 3.76
N VAL A 257 -10.34 10.22 3.78
CA VAL A 257 -9.99 9.13 2.86
C VAL A 257 -10.82 7.88 3.08
N PHE A 258 -10.89 7.44 4.31
CA PHE A 258 -11.63 6.22 4.62
C PHE A 258 -13.06 6.50 5.03
N GLY A 259 -13.40 7.77 5.23
CA GLY A 259 -14.79 8.15 5.55
C GLY A 259 -15.79 7.87 4.43
#